data_7USP
#
_entry.id   7USP
#
_cell.length_a   50.117
_cell.length_b   66.133
_cell.length_c   83.044
_cell.angle_alpha   90.000
_cell.angle_beta   90.880
_cell.angle_gamma   90.000
#
_symmetry.space_group_name_H-M   'P 1 21 1'
#
loop_
_entity.id
_entity.type
_entity.pdbx_description
1 polymer 'Caspase-3 subunit p17'
2 polymer 'Caspase-3 subunit p12'
3 polymer 'Peptide Inhibitor AcITV(Orn)D-CHO'
4 water water
#
loop_
_entity_poly.entity_id
_entity_poly.type
_entity_poly.pdbx_seq_one_letter_code
_entity_poly.pdbx_strand_id
1 'polypeptide(L)'
;SGISLDNSYKMDYPEMGLCIIINNKNFHKSTGMTSRSGTDVDAANLRETFRNLKYEVRNKNDLTREEIVELMRDVSKEDH
SKRSSFVCVLLSHGEEGIIFGTNGPVDLKKITNFFRGDRCRSLTGKPKLFIIQACRGTELDCGIETD
;
A,C
2 'polypeptide(L)'
;SGVDDDMACHKIPVEADFLYAYSTAPGYYSWRNSKDGSWFIQSLCAMLKQYADKLEFMHILTRVNRKVATEFESFSFDAT
FHAKKQIPCIVSMLTKELYFYH
;
B,D
3 'polypeptide(L)' ITV(ORN)D F,G
#
# COMPACT_ATOMS: atom_id res chain seq x y z
N ASP A 6 13.14 -12.82 14.24
CA ASP A 6 12.88 -11.40 14.45
C ASP A 6 12.67 -10.65 13.14
N ASN A 7 13.31 -11.11 12.06
CA ASN A 7 13.04 -10.57 10.74
C ASN A 7 11.90 -11.28 10.04
N SER A 8 11.39 -12.35 10.64
CA SER A 8 10.29 -13.15 10.15
C SER A 8 9.26 -13.30 11.25
N TYR A 9 7.99 -13.27 10.87
CA TYR A 9 6.94 -13.58 11.81
C TYR A 9 7.08 -15.01 12.29
N LYS A 10 7.02 -15.19 13.61
CA LYS A 10 6.96 -16.54 14.18
C LYS A 10 5.71 -17.23 13.62
N MET A 11 5.91 -18.29 12.83
CA MET A 11 4.82 -18.96 12.14
C MET A 11 4.57 -20.40 12.60
N ASP A 12 5.39 -20.93 13.52
CA ASP A 12 5.24 -22.31 13.95
C ASP A 12 4.45 -22.43 15.25
N TYR A 13 3.53 -21.49 15.49
CA TYR A 13 2.47 -21.70 16.47
C TYR A 13 1.70 -22.99 16.14
N PRO A 14 1.00 -23.54 17.12
CA PRO A 14 0.26 -24.80 16.86
C PRO A 14 -0.68 -24.74 15.66
N GLU A 15 -1.36 -23.60 15.43
CA GLU A 15 -2.27 -23.34 14.33
C GLU A 15 -1.78 -22.21 13.42
N MET A 16 -2.06 -22.31 12.11
CA MET A 16 -1.77 -21.20 11.20
C MET A 16 -2.63 -19.98 11.52
N GLY A 17 -3.90 -20.21 11.86
CA GLY A 17 -4.89 -19.18 12.16
C GLY A 17 -6.12 -19.35 11.29
N LEU A 18 -7.08 -18.48 11.52
CA LEU A 18 -8.33 -18.48 10.76
C LEU A 18 -8.17 -17.86 9.37
N CYS A 19 -8.98 -18.35 8.43
CA CYS A 19 -9.12 -17.74 7.12
C CYS A 19 -10.62 -17.53 6.86
N ILE A 20 -11.14 -16.36 7.22
CA ILE A 20 -12.55 -16.06 7.01
C ILE A 20 -12.76 -15.62 5.57
N ILE A 21 -13.68 -16.29 4.87
CA ILE A 21 -14.07 -15.90 3.51
C ILE A 21 -15.52 -15.40 3.54
N ILE A 22 -15.70 -14.14 3.14
N ILE A 22 -15.72 -14.14 3.18
CA ILE A 22 -17.02 -13.55 2.96
CA ILE A 22 -17.05 -13.58 3.01
C ILE A 22 -17.31 -13.54 1.47
C ILE A 22 -17.35 -13.51 1.51
N ASN A 23 -18.29 -14.32 1.04
CA ASN A 23 -18.62 -14.47 -0.36
C ASN A 23 -20.03 -13.90 -0.61
N ASN A 24 -20.10 -12.59 -0.86
CA ASN A 24 -21.38 -11.92 -1.17
C ASN A 24 -21.65 -12.04 -2.67
N LYS A 25 -22.61 -12.91 -3.05
CA LYS A 25 -22.95 -13.04 -4.48
C LYS A 25 -24.24 -12.32 -4.88
N ASN A 26 -25.24 -12.29 -3.99
CA ASN A 26 -26.59 -11.82 -4.32
C ASN A 26 -26.99 -10.66 -3.41
N PHE A 27 -27.30 -9.52 -4.01
CA PHE A 27 -27.62 -8.30 -3.28
C PHE A 27 -29.11 -7.96 -3.41
N HIS A 28 -29.66 -7.31 -2.40
CA HIS A 28 -31.06 -6.90 -2.52
C HIS A 28 -31.17 -5.78 -3.53
N LYS A 29 -32.20 -5.87 -4.38
CA LYS A 29 -32.37 -4.94 -5.50
C LYS A 29 -32.33 -3.48 -5.04
N SER A 30 -32.79 -3.19 -3.81
CA SER A 30 -32.88 -1.82 -3.32
C SER A 30 -31.54 -1.11 -3.21
N THR A 31 -30.44 -1.84 -3.33
CA THR A 31 -29.11 -1.26 -3.41
C THR A 31 -28.73 -0.87 -4.83
N GLY A 32 -29.45 -1.37 -5.82
CA GLY A 32 -29.08 -1.18 -7.21
C GLY A 32 -27.72 -1.74 -7.55
N MET A 33 -27.44 -3.00 -7.20
CA MET A 33 -26.21 -3.65 -7.59
C MET A 33 -26.50 -5.03 -8.18
N THR A 34 -25.78 -5.37 -9.24
CA THR A 34 -25.99 -6.61 -9.97
C THR A 34 -25.49 -7.80 -9.15
N SER A 35 -25.80 -8.99 -9.63
CA SER A 35 -25.19 -10.18 -9.02
C SER A 35 -23.78 -10.42 -9.52
N ARG A 36 -22.99 -11.07 -8.66
CA ARG A 36 -21.56 -11.19 -8.89
C ARG A 36 -21.28 -12.62 -9.36
N SER A 37 -21.65 -12.85 -10.62
CA SER A 37 -21.40 -14.14 -11.27
C SER A 37 -19.91 -14.41 -11.29
N GLY A 38 -19.52 -15.63 -10.86
CA GLY A 38 -18.13 -16.05 -10.79
C GLY A 38 -17.53 -16.09 -9.38
N THR A 39 -18.12 -15.36 -8.42
CA THR A 39 -17.56 -15.30 -7.09
C THR A 39 -17.54 -16.64 -6.37
N ASP A 40 -18.41 -17.60 -6.75
CA ASP A 40 -18.36 -18.93 -6.14
C ASP A 40 -17.09 -19.68 -6.55
N VAL A 41 -16.67 -19.51 -7.81
CA VAL A 41 -15.40 -20.07 -8.23
C VAL A 41 -14.27 -19.51 -7.37
N ASP A 42 -14.33 -18.20 -7.11
CA ASP A 42 -13.31 -17.58 -6.26
C ASP A 42 -13.37 -18.12 -4.84
N ALA A 43 -14.56 -18.15 -4.24
CA ALA A 43 -14.65 -18.59 -2.85
C ALA A 43 -14.17 -20.03 -2.70
N ALA A 44 -14.24 -20.83 -3.75
CA ALA A 44 -13.85 -22.23 -3.69
C ALA A 44 -12.37 -22.41 -3.95
N ASN A 45 -11.84 -21.61 -4.89
CA ASN A 45 -10.40 -21.53 -5.10
C ASN A 45 -9.69 -21.02 -3.86
N LEU A 46 -10.31 -20.08 -3.15
CA LEU A 46 -9.74 -19.62 -1.90
C LEU A 46 -9.73 -20.72 -0.83
N ARG A 47 -10.84 -21.47 -0.73
CA ARG A 47 -10.93 -22.54 0.25
C ARG A 47 -9.82 -23.58 0.02
N GLU A 48 -9.72 -24.09 -1.20
CA GLU A 48 -8.77 -25.18 -1.42
C GLU A 48 -7.33 -24.71 -1.25
N THR A 49 -7.05 -23.49 -1.71
CA THR A 49 -5.68 -22.96 -1.66
C THR A 49 -5.24 -22.72 -0.23
N PHE A 50 -6.09 -22.12 0.60
CA PHE A 50 -5.68 -21.88 1.98
C PHE A 50 -5.81 -23.11 2.88
N ARG A 51 -6.53 -24.15 2.44
CA ARG A 51 -6.52 -25.41 3.16
C ARG A 51 -5.20 -26.15 2.96
N ASN A 52 -4.55 -25.95 1.80
CA ASN A 52 -3.24 -26.55 1.60
C ASN A 52 -2.17 -25.81 2.39
N LEU A 53 -2.38 -24.52 2.64
CA LEU A 53 -1.49 -23.81 3.56
C LEU A 53 -1.80 -24.09 5.03
N LYS A 54 -2.81 -24.92 5.32
CA LYS A 54 -3.19 -25.36 6.67
C LYS A 54 -3.86 -24.29 7.52
N TYR A 55 -4.76 -23.49 6.93
CA TYR A 55 -5.61 -22.59 7.69
C TYR A 55 -6.96 -23.23 8.02
N GLU A 56 -7.64 -22.62 8.99
CA GLU A 56 -8.99 -23.06 9.36
C GLU A 56 -9.98 -22.18 8.60
N VAL A 57 -10.26 -22.56 7.34
CA VAL A 57 -11.13 -21.72 6.52
C VAL A 57 -12.58 -21.82 6.98
N ARG A 58 -13.20 -20.66 7.22
CA ARG A 58 -14.64 -20.59 7.52
C ARG A 58 -15.33 -19.80 6.41
N ASN A 59 -15.97 -20.51 5.49
CA ASN A 59 -16.65 -19.85 4.41
C ASN A 59 -17.99 -19.28 4.88
N LYS A 60 -18.31 -18.07 4.46
CA LYS A 60 -19.63 -17.50 4.74
C LYS A 60 -20.17 -16.79 3.50
N ASN A 61 -21.51 -16.84 3.35
CA ASN A 61 -22.18 -16.47 2.11
C ASN A 61 -23.28 -15.44 2.36
N ASP A 62 -23.29 -14.38 1.54
CA ASP A 62 -24.42 -13.46 1.42
C ASP A 62 -24.83 -12.91 2.79
N LEU A 63 -23.88 -12.20 3.40
CA LEU A 63 -24.09 -11.53 4.67
C LEU A 63 -24.57 -10.11 4.43
N THR A 64 -25.45 -9.64 5.30
CA THR A 64 -25.82 -8.23 5.33
C THR A 64 -24.73 -7.41 6.01
N ARG A 65 -24.81 -6.08 5.88
CA ARG A 65 -23.82 -5.25 6.55
C ARG A 65 -23.85 -5.45 8.06
N GLU A 66 -25.03 -5.71 8.62
CA GLU A 66 -25.10 -6.06 10.04
C GLU A 66 -24.37 -7.37 10.30
N GLU A 67 -24.65 -8.41 9.51
CA GLU A 67 -24.03 -9.71 9.76
C GLU A 67 -22.50 -9.60 9.72
N ILE A 68 -21.97 -8.76 8.83
CA ILE A 68 -20.52 -8.70 8.65
C ILE A 68 -19.85 -8.05 9.86
N VAL A 69 -20.39 -6.92 10.33
CA VAL A 69 -19.82 -6.27 11.51
C VAL A 69 -19.85 -7.24 12.69
N GLU A 70 -20.93 -8.01 12.82
CA GLU A 70 -21.10 -8.91 13.96
C GLU A 70 -20.20 -10.12 13.83
N LEU A 71 -20.08 -10.70 12.62
CA LEU A 71 -19.15 -11.80 12.42
C LEU A 71 -17.74 -11.40 12.83
N MET A 72 -17.28 -10.27 12.29
CA MET A 72 -15.94 -9.76 12.58
C MET A 72 -15.75 -9.52 14.06
N ARG A 73 -16.76 -8.90 14.71
CA ARG A 73 -16.66 -8.64 16.14
C ARG A 73 -16.43 -9.93 16.94
N ASP A 74 -17.19 -10.98 16.61
CA ASP A 74 -17.11 -12.24 17.36
C ASP A 74 -15.77 -12.93 17.14
N VAL A 75 -15.24 -12.85 15.92
CA VAL A 75 -14.01 -13.54 15.60
C VAL A 75 -12.83 -12.90 16.32
N SER A 76 -12.86 -11.57 16.46
CA SER A 76 -11.84 -10.81 17.16
C SER A 76 -11.86 -11.05 18.67
N LYS A 77 -12.91 -11.68 19.18
CA LYS A 77 -13.06 -11.97 20.59
C LYS A 77 -12.69 -13.40 20.94
N GLU A 78 -12.51 -14.26 19.94
CA GLU A 78 -11.94 -15.58 20.18
C GLU A 78 -10.52 -15.45 20.71
N ASP A 79 -10.03 -16.53 21.32
CA ASP A 79 -8.64 -16.60 21.80
C ASP A 79 -7.72 -17.03 20.67
N HIS A 80 -7.00 -16.08 20.08
CA HIS A 80 -6.02 -16.39 19.03
C HIS A 80 -4.62 -16.68 19.61
N SER A 81 -4.53 -17.04 20.90
CA SER A 81 -3.25 -17.21 21.58
C SER A 81 -2.36 -18.24 20.90
N LYS A 82 -2.93 -19.37 20.50
CA LYS A 82 -2.18 -20.43 19.83
C LYS A 82 -2.25 -20.33 18.30
N ARG A 83 -2.40 -19.14 17.73
CA ARG A 83 -2.55 -19.00 16.29
C ARG A 83 -1.50 -18.06 15.73
N SER A 84 -0.90 -18.45 14.58
CA SER A 84 0.20 -17.69 13.99
C SER A 84 -0.30 -16.39 13.35
N SER A 85 -1.21 -16.48 12.40
CA SER A 85 -1.66 -15.30 11.69
C SER A 85 -3.17 -15.32 11.59
N PHE A 86 -3.74 -14.31 10.92
CA PHE A 86 -5.19 -14.21 10.71
C PHE A 86 -5.46 -13.65 9.32
N VAL A 87 -6.21 -14.40 8.50
CA VAL A 87 -6.56 -14.00 7.14
C VAL A 87 -8.05 -13.68 7.07
N CYS A 88 -8.40 -12.72 6.23
CA CYS A 88 -9.79 -12.42 5.92
C CYS A 88 -9.89 -12.01 4.45
N VAL A 89 -10.75 -12.70 3.69
CA VAL A 89 -11.03 -12.33 2.29
C VAL A 89 -12.45 -11.77 2.22
N LEU A 90 -12.60 -10.57 1.65
CA LEU A 90 -13.92 -10.02 1.32
C LEU A 90 -14.08 -10.04 -0.20
N LEU A 91 -15.16 -10.66 -0.68
CA LEU A 91 -15.54 -10.67 -2.12
C LEU A 91 -16.89 -9.98 -2.27
N SER A 92 -16.91 -8.80 -2.91
CA SER A 92 -18.14 -8.01 -2.94
C SER A 92 -17.95 -6.80 -3.86
N HIS A 93 -19.05 -6.04 -4.03
CA HIS A 93 -18.96 -4.71 -4.59
C HIS A 93 -18.36 -3.75 -3.55
N GLY A 94 -17.89 -2.61 -4.03
CA GLY A 94 -17.58 -1.55 -3.09
C GLY A 94 -17.18 -0.29 -3.82
N GLU A 95 -16.94 0.75 -3.03
CA GLU A 95 -16.31 1.98 -3.46
C GLU A 95 -15.03 2.15 -2.67
N GLU A 96 -14.42 3.34 -2.76
CA GLU A 96 -13.23 3.59 -1.95
C GLU A 96 -13.56 3.60 -0.45
N GLY A 97 -12.87 2.74 0.30
CA GLY A 97 -13.03 2.63 1.74
C GLY A 97 -14.17 1.75 2.17
N ILE A 98 -14.99 1.31 1.23
CA ILE A 98 -16.32 0.79 1.50
C ILE A 98 -16.45 -0.59 0.87
N ILE A 99 -17.01 -1.52 1.63
CA ILE A 99 -17.39 -2.84 1.14
C ILE A 99 -18.89 -3.01 1.39
N PHE A 100 -19.54 -3.82 0.55
CA PHE A 100 -20.99 -3.93 0.53
C PHE A 100 -21.46 -5.23 1.16
N GLY A 101 -22.28 -5.12 2.19
CA GLY A 101 -23.14 -6.23 2.55
C GLY A 101 -24.26 -6.39 1.53
N THR A 102 -25.02 -7.46 1.67
CA THR A 102 -26.12 -7.67 0.73
C THR A 102 -27.23 -6.62 0.83
N ASN A 103 -27.10 -5.59 1.70
CA ASN A 103 -28.13 -4.56 1.81
C ASN A 103 -27.56 -3.16 1.97
N GLY A 104 -26.26 -2.95 1.79
CA GLY A 104 -25.70 -1.63 1.95
C GLY A 104 -24.22 -1.60 2.27
N PRO A 105 -23.63 -0.40 2.22
CA PRO A 105 -22.18 -0.29 2.38
C PRO A 105 -21.74 -0.30 3.84
N VAL A 106 -20.54 -0.84 4.06
CA VAL A 106 -19.85 -0.81 5.35
C VAL A 106 -18.49 -0.18 5.14
N ASP A 107 -18.12 0.76 6.01
CA ASP A 107 -16.75 1.28 6.02
C ASP A 107 -15.77 0.18 6.40
N LEU A 108 -14.69 0.05 5.62
CA LEU A 108 -13.68 -0.97 5.93
C LEU A 108 -13.00 -0.74 7.28
N LYS A 109 -12.65 0.52 7.60
CA LYS A 109 -12.00 0.83 8.86
C LYS A 109 -12.71 0.14 10.03
N LYS A 110 -14.02 -0.06 9.94
CA LYS A 110 -14.75 -0.67 11.05
C LYS A 110 -14.57 -2.20 11.12
N ILE A 111 -14.50 -2.88 9.97
CA ILE A 111 -14.18 -4.31 10.00
C ILE A 111 -12.80 -4.53 10.62
N THR A 112 -11.81 -3.75 10.17
CA THR A 112 -10.44 -3.99 10.58
C THR A 112 -10.17 -3.52 12.00
N ASN A 113 -10.83 -2.45 12.45
CA ASN A 113 -10.47 -1.88 13.74
C ASN A 113 -10.74 -2.84 14.89
N PHE A 114 -11.58 -3.86 14.67
CA PHE A 114 -11.76 -4.92 15.66
C PHE A 114 -10.45 -5.61 15.97
N PHE A 115 -9.49 -5.56 15.05
CA PHE A 115 -8.24 -6.29 15.14
C PHE A 115 -7.04 -5.36 15.34
N ARG A 116 -7.27 -4.17 15.88
CA ARG A 116 -6.17 -3.28 16.20
C ARG A 116 -5.32 -3.88 17.31
N GLY A 117 -4.06 -3.45 17.37
CA GLY A 117 -3.15 -4.01 18.34
C GLY A 117 -3.63 -3.85 19.78
N ASP A 118 -4.41 -2.81 20.05
CA ASP A 118 -4.99 -2.60 21.37
C ASP A 118 -6.38 -3.18 21.54
N ARG A 119 -7.00 -3.70 20.47
CA ARG A 119 -8.37 -4.20 20.56
C ARG A 119 -8.51 -5.72 20.50
N CYS A 120 -7.48 -6.45 20.08
CA CYS A 120 -7.50 -7.90 20.00
C CYS A 120 -6.11 -8.41 20.39
N ARG A 121 -5.86 -8.54 21.70
CA ARG A 121 -4.50 -8.76 22.15
C ARG A 121 -3.97 -10.13 21.72
N SER A 122 -4.83 -11.14 21.61
CA SER A 122 -4.34 -12.45 21.21
C SER A 122 -3.76 -12.43 19.80
N LEU A 123 -3.86 -11.31 19.09
CA LEU A 123 -3.28 -11.16 17.76
C LEU A 123 -2.27 -10.01 17.70
N THR A 124 -1.93 -9.41 18.83
CA THR A 124 -0.92 -8.37 18.83
C THR A 124 0.41 -8.96 18.37
N GLY A 125 1.10 -8.25 17.47
CA GLY A 125 2.37 -8.72 16.98
C GLY A 125 2.31 -9.87 16.01
N LYS A 126 1.11 -10.28 15.59
CA LYS A 126 0.98 -11.31 14.56
C LYS A 126 0.37 -10.70 13.31
N PRO A 127 0.68 -11.23 12.13
CA PRO A 127 0.22 -10.59 10.89
C PRO A 127 -1.27 -10.81 10.62
N LYS A 128 -1.98 -9.72 10.32
CA LYS A 128 -3.41 -9.71 10.05
C LYS A 128 -3.63 -9.28 8.60
N LEU A 129 -4.03 -10.21 7.76
CA LEU A 129 -4.07 -10.03 6.32
C LEU A 129 -5.51 -9.83 5.85
N PHE A 130 -5.72 -8.90 4.93
CA PHE A 130 -7.05 -8.66 4.38
C PHE A 130 -6.96 -8.61 2.86
N ILE A 131 -7.49 -9.65 2.21
CA ILE A 131 -7.58 -9.72 0.74
C ILE A 131 -8.93 -9.15 0.34
N ILE A 132 -8.94 -8.14 -0.53
CA ILE A 132 -10.19 -7.48 -0.89
C ILE A 132 -10.39 -7.50 -2.40
N GLN A 133 -11.34 -8.31 -2.85
CA GLN A 133 -11.81 -8.28 -4.22
C GLN A 133 -13.07 -7.40 -4.20
N ALA A 134 -12.92 -6.14 -4.63
CA ALA A 134 -14.02 -5.20 -4.73
C ALA A 134 -13.54 -3.96 -5.47
N CYS A 135 -14.50 -3.29 -6.11
CA CYS A 135 -14.20 -2.05 -6.83
C CYS A 135 -13.87 -0.97 -5.81
N ARG A 136 -13.03 -0.01 -6.25
CA ARG A 136 -12.64 1.10 -5.38
C ARG A 136 -13.01 2.46 -6.00
N GLY A 137 -13.89 2.47 -6.99
CA GLY A 137 -14.28 3.67 -7.69
C GLY A 137 -14.68 3.34 -9.12
N THR A 138 -14.73 4.37 -9.98
CA THR A 138 -15.27 4.18 -11.32
C THR A 138 -14.31 4.59 -12.43
N GLU A 139 -13.07 4.92 -12.11
CA GLU A 139 -12.09 5.18 -13.16
C GLU A 139 -11.68 3.90 -13.86
N LEU A 140 -11.30 4.04 -15.13
CA LEU A 140 -10.96 2.92 -16.00
C LEU A 140 -9.55 3.08 -16.53
N ASP A 141 -8.73 2.05 -16.33
CA ASP A 141 -7.38 1.96 -16.89
C ASP A 141 -7.47 1.49 -18.36
N CYS A 142 -7.21 2.41 -19.29
CA CYS A 142 -7.18 2.04 -20.70
C CYS A 142 -5.83 1.47 -21.12
N GLY A 143 -4.79 1.60 -20.30
CA GLY A 143 -3.54 0.95 -20.58
C GLY A 143 -2.65 1.76 -21.50
N ILE A 144 -1.66 1.06 -22.06
CA ILE A 144 -0.71 1.60 -23.02
C ILE A 144 0.09 0.41 -23.55
N GLU A 145 0.23 0.31 -24.88
CA GLU A 145 0.80 -0.90 -25.50
C GLU A 145 2.32 -0.96 -25.34
N LYS B 11 6.24 -0.81 23.33
CA LYS B 11 5.03 -0.48 22.54
C LYS B 11 5.12 -0.68 21.00
N ILE B 12 3.97 -0.96 20.35
CA ILE B 12 3.88 -0.92 18.89
C ILE B 12 2.64 -0.14 18.50
N PRO B 13 2.61 0.44 17.29
CA PRO B 13 1.39 1.13 16.87
C PRO B 13 0.24 0.14 16.75
N VAL B 14 -0.94 0.56 17.20
CA VAL B 14 -2.11 -0.30 17.10
C VAL B 14 -2.45 -0.64 15.64
N GLU B 15 -2.02 0.20 14.69
CA GLU B 15 -2.20 -0.05 13.27
C GLU B 15 -1.11 -0.91 12.63
N ALA B 16 -0.03 -1.24 13.35
CA ALA B 16 1.02 -2.06 12.76
C ALA B 16 0.56 -3.52 12.63
N ASP B 17 1.21 -4.22 11.71
CA ASP B 17 1.03 -5.65 11.39
C ASP B 17 -0.24 -5.92 10.58
N PHE B 18 -0.89 -4.91 10.01
CA PHE B 18 -1.94 -5.14 9.04
C PHE B 18 -1.31 -5.20 7.65
N LEU B 19 -1.86 -6.06 6.80
CA LEU B 19 -1.53 -6.05 5.38
C LEU B 19 -2.83 -6.05 4.59
N TYR B 20 -3.00 -5.06 3.72
CA TYR B 20 -4.17 -4.98 2.87
C TYR B 20 -3.75 -5.31 1.44
N ALA B 21 -4.37 -6.33 0.86
CA ALA B 21 -4.11 -6.75 -0.50
C ALA B 21 -5.35 -6.36 -1.32
N TYR B 22 -5.27 -5.19 -1.96
CA TYR B 22 -6.38 -4.71 -2.77
C TYR B 22 -6.28 -5.29 -4.15
N SER B 23 -7.42 -5.55 -4.77
CA SER B 23 -7.47 -6.13 -6.10
C SER B 23 -7.26 -5.11 -7.20
N THR B 24 -7.16 -3.83 -6.85
CA THR B 24 -7.08 -2.81 -7.88
C THR B 24 -6.59 -1.52 -7.25
N ALA B 25 -6.01 -0.68 -8.09
CA ALA B 25 -5.58 0.67 -7.76
C ALA B 25 -6.66 1.43 -7.00
N PRO B 26 -6.27 2.36 -6.13
CA PRO B 26 -7.27 3.22 -5.48
C PRO B 26 -8.09 4.02 -6.48
N GLY B 27 -9.41 3.84 -6.41
CA GLY B 27 -10.34 4.64 -7.17
C GLY B 27 -10.81 4.02 -8.47
N TYR B 28 -10.36 2.81 -8.79
CA TYR B 28 -10.63 2.17 -10.06
C TYR B 28 -11.57 0.98 -9.89
N TYR B 29 -12.18 0.60 -11.01
CA TYR B 29 -12.95 -0.61 -11.07
C TYR B 29 -12.05 -1.81 -10.85
N SER B 30 -12.65 -2.90 -10.37
CA SER B 30 -12.04 -4.22 -10.36
C SER B 30 -12.82 -5.11 -11.31
N TRP B 31 -12.14 -6.11 -11.87
CA TRP B 31 -12.72 -6.89 -12.95
C TRP B 31 -12.89 -8.34 -12.54
N ARG B 32 -14.02 -8.90 -12.93
CA ARG B 32 -14.35 -10.29 -12.63
C ARG B 32 -14.84 -10.93 -13.93
N ASN B 33 -14.42 -12.16 -14.16
CA ASN B 33 -14.94 -12.91 -15.30
C ASN B 33 -16.13 -13.75 -14.84
N SER B 34 -17.18 -13.78 -15.66
CA SER B 34 -18.47 -14.29 -15.22
C SER B 34 -18.48 -15.78 -14.94
N LYS B 35 -17.50 -16.52 -15.46
CA LYS B 35 -17.42 -17.96 -15.28
C LYS B 35 -16.13 -18.40 -14.63
N ASP B 36 -15.05 -17.64 -14.77
CA ASP B 36 -13.73 -18.02 -14.27
C ASP B 36 -13.41 -17.45 -12.90
N GLY B 37 -14.08 -16.39 -12.48
CA GLY B 37 -13.73 -15.68 -11.26
C GLY B 37 -13.09 -14.32 -11.53
N SER B 38 -12.82 -13.63 -10.44
CA SER B 38 -12.15 -12.34 -10.53
C SER B 38 -10.69 -12.51 -10.90
N TRP B 39 -10.16 -11.53 -11.63
CA TRP B 39 -8.77 -11.60 -12.07
C TRP B 39 -7.84 -11.75 -10.88
N PHE B 40 -8.09 -10.99 -9.83
CA PHE B 40 -7.17 -10.93 -8.69
C PHE B 40 -7.11 -12.26 -7.97
N ILE B 41 -8.27 -12.84 -7.66
CA ILE B 41 -8.29 -14.08 -6.88
C ILE B 41 -7.80 -15.28 -7.71
N GLN B 42 -8.09 -15.34 -9.02
CA GLN B 42 -7.45 -16.38 -9.83
C GLN B 42 -5.93 -16.29 -9.74
N SER B 43 -5.38 -15.08 -9.93
CA SER B 43 -3.95 -14.87 -9.93
C SER B 43 -3.33 -15.11 -8.55
N LEU B 44 -3.98 -14.62 -7.49
CA LEU B 44 -3.45 -14.85 -6.15
C LEU B 44 -3.36 -16.34 -5.83
N CYS B 45 -4.41 -17.12 -6.17
CA CYS B 45 -4.44 -18.55 -5.87
C CYS B 45 -3.41 -19.32 -6.69
N ALA B 46 -3.31 -19.00 -7.98
CA ALA B 46 -2.26 -19.59 -8.81
C ALA B 46 -0.90 -19.34 -8.20
N MET B 47 -0.62 -18.08 -7.84
CA MET B 47 0.71 -17.70 -7.39
C MET B 47 1.01 -18.31 -6.01
N LEU B 48 0.01 -18.40 -5.11
CA LEU B 48 0.23 -19.10 -3.83
C LEU B 48 0.46 -20.59 -4.04
N LYS B 49 -0.31 -21.23 -4.95
CA LYS B 49 -0.09 -22.65 -5.23
C LYS B 49 1.31 -22.91 -5.74
N GLN B 50 1.86 -21.98 -6.55
CA GLN B 50 3.17 -22.15 -7.16
C GLN B 50 4.32 -21.81 -6.21
N TYR B 51 4.14 -20.87 -5.26
CA TYR B 51 5.28 -20.27 -4.60
C TYR B 51 5.21 -20.15 -3.09
N ALA B 52 4.16 -20.65 -2.43
CA ALA B 52 4.04 -20.38 -1.00
C ALA B 52 5.10 -21.11 -0.17
N ASP B 53 5.91 -21.97 -0.78
CA ASP B 53 6.99 -22.67 -0.08
C ASP B 53 8.38 -22.27 -0.57
N LYS B 54 8.49 -21.36 -1.54
CA LYS B 54 9.76 -20.83 -1.98
C LYS B 54 9.92 -19.32 -1.74
N LEU B 55 8.84 -18.58 -1.49
CA LEU B 55 8.82 -17.13 -1.61
C LEU B 55 8.17 -16.48 -0.40
N GLU B 56 8.73 -15.32 -0.03
CA GLU B 56 8.12 -14.41 0.92
C GLU B 56 6.81 -13.86 0.33
N PHE B 57 5.94 -13.37 1.21
CA PHE B 57 4.59 -12.99 0.83
C PHE B 57 4.57 -11.81 -0.13
N MET B 58 5.44 -10.81 0.06
CA MET B 58 5.42 -9.63 -0.81
C MET B 58 5.86 -9.96 -2.22
N HIS B 59 6.81 -10.88 -2.36
CA HIS B 59 7.22 -11.32 -3.67
C HIS B 59 6.14 -12.16 -4.37
N ILE B 60 5.35 -12.91 -3.61
CA ILE B 60 4.19 -13.59 -4.19
C ILE B 60 3.17 -12.57 -4.66
N LEU B 61 2.87 -11.58 -3.84
CA LEU B 61 1.86 -10.59 -4.24
C LEU B 61 2.37 -9.70 -5.37
N THR B 62 3.70 -9.50 -5.46
CA THR B 62 4.28 -8.77 -6.58
C THR B 62 4.13 -9.57 -7.88
N ARG B 63 4.25 -10.89 -7.77
CA ARG B 63 3.97 -11.76 -8.92
C ARG B 63 2.49 -11.78 -9.27
N VAL B 64 1.61 -11.60 -8.28
CA VAL B 64 0.19 -11.43 -8.58
C VAL B 64 -0.04 -10.15 -9.39
N ASN B 65 0.62 -9.04 -9.00
CA ASN B 65 0.54 -7.78 -9.76
C ASN B 65 0.95 -7.94 -11.22
N ARG B 66 2.06 -8.62 -11.48
CA ARG B 66 2.52 -8.80 -12.86
C ARG B 66 1.52 -9.63 -13.65
N LYS B 67 1.02 -10.71 -13.06
CA LYS B 67 0.09 -11.57 -13.76
C LYS B 67 -1.15 -10.79 -14.16
N VAL B 68 -1.82 -10.15 -13.18
CA VAL B 68 -3.02 -9.34 -13.47
C VAL B 68 -2.70 -8.27 -14.52
N ALA B 69 -1.57 -7.58 -14.32
CA ALA B 69 -1.26 -6.40 -15.12
C ALA B 69 -0.96 -6.75 -16.57
N THR B 70 -0.31 -7.88 -16.80
CA THR B 70 0.17 -8.19 -18.12
C THR B 70 -0.68 -9.22 -18.87
N GLU B 71 -1.48 -10.04 -18.18
CA GLU B 71 -2.15 -11.17 -18.79
C GLU B 71 -3.65 -10.98 -19.00
N PHE B 72 -4.26 -10.01 -18.35
CA PHE B 72 -5.72 -9.86 -18.39
C PHE B 72 -6.09 -8.56 -19.08
N GLU B 73 -7.16 -8.62 -19.85
CA GLU B 73 -7.68 -7.45 -20.52
C GLU B 73 -9.19 -7.61 -20.68
N SER B 74 -9.96 -6.64 -20.19
CA SER B 74 -11.40 -6.81 -20.06
C SER B 74 -12.10 -6.95 -21.40
N PHE B 75 -13.03 -7.90 -21.47
CA PHE B 75 -13.81 -8.20 -22.68
C PHE B 75 -15.28 -7.91 -22.40
N SER B 76 -15.84 -6.92 -23.09
CA SER B 76 -17.21 -6.52 -22.80
C SER B 76 -17.93 -6.07 -24.07
N PHE B 77 -19.22 -6.45 -24.17
CA PHE B 77 -20.07 -5.99 -25.28
C PHE B 77 -20.39 -4.51 -25.17
N ASP B 78 -20.14 -3.91 -24.02
CA ASP B 78 -20.35 -2.49 -23.78
C ASP B 78 -18.99 -1.81 -23.95
N ALA B 79 -18.80 -1.12 -25.08
CA ALA B 79 -17.51 -0.53 -25.40
C ALA B 79 -16.96 0.32 -24.27
N THR B 80 -17.83 0.93 -23.45
CA THR B 80 -17.36 1.74 -22.34
C THR B 80 -16.49 0.93 -21.39
N PHE B 81 -16.76 -0.37 -21.26
CA PHE B 81 -16.11 -1.22 -20.26
C PHE B 81 -15.14 -2.22 -20.88
N HIS B 82 -14.76 -2.04 -22.14
CA HIS B 82 -14.05 -3.03 -22.93
C HIS B 82 -12.60 -2.61 -23.15
N ALA B 83 -11.70 -3.61 -23.15
CA ALA B 83 -10.26 -3.40 -23.34
C ALA B 83 -9.61 -2.67 -22.16
N LYS B 84 -10.10 -2.94 -20.95
CA LYS B 84 -9.63 -2.22 -19.77
C LYS B 84 -8.68 -3.08 -18.94
N LYS B 85 -7.80 -2.42 -18.21
CA LYS B 85 -6.74 -3.11 -17.48
C LYS B 85 -6.90 -2.87 -15.99
N GLN B 86 -6.15 -3.64 -15.22
CA GLN B 86 -6.20 -3.61 -13.76
C GLN B 86 -4.79 -3.81 -13.22
N ILE B 87 -4.39 -3.00 -12.25
CA ILE B 87 -3.18 -3.26 -11.47
C ILE B 87 -3.59 -3.40 -9.99
N PRO B 88 -3.22 -4.48 -9.33
CA PRO B 88 -3.59 -4.64 -7.90
C PRO B 88 -2.73 -3.74 -7.01
N CYS B 89 -3.13 -3.65 -5.74
CA CYS B 89 -2.57 -2.68 -4.79
C CYS B 89 -2.24 -3.37 -3.47
N ILE B 90 -0.95 -3.55 -3.21
CA ILE B 90 -0.47 -4.06 -1.93
C ILE B 90 -0.25 -2.90 -0.97
N VAL B 91 -0.88 -2.95 0.20
CA VAL B 91 -0.71 -1.94 1.25
C VAL B 91 -0.22 -2.63 2.53
N SER B 92 1.06 -2.44 2.85
CA SER B 92 1.71 -3.17 3.94
C SER B 92 2.10 -2.23 5.08
N MET B 93 1.44 -2.37 6.22
CA MET B 93 1.96 -1.93 7.51
C MET B 93 2.52 -3.09 8.31
N LEU B 94 3.12 -4.08 7.64
CA LEU B 94 3.73 -5.21 8.33
C LEU B 94 5.10 -4.81 8.82
N THR B 95 5.57 -5.49 9.85
CA THR B 95 6.84 -5.14 10.49
C THR B 95 7.91 -6.20 10.29
N LYS B 96 7.54 -7.37 9.78
CA LYS B 96 8.47 -8.46 9.53
C LYS B 96 8.10 -9.08 8.19
N GLU B 97 8.96 -9.97 7.68
CA GLU B 97 8.67 -10.79 6.52
C GLU B 97 7.82 -11.99 6.91
N LEU B 98 7.20 -12.61 5.90
CA LEU B 98 6.17 -13.62 6.14
C LEU B 98 6.40 -14.81 5.22
N TYR B 99 6.56 -16.00 5.81
CA TYR B 99 6.72 -17.23 5.06
C TYR B 99 5.72 -18.26 5.56
N PHE B 100 5.12 -18.99 4.63
CA PHE B 100 4.15 -20.03 4.98
C PHE B 100 4.82 -21.39 5.22
N TYR B 101 5.92 -21.41 5.96
CA TYR B 101 6.47 -22.66 6.47
C TYR B 101 7.41 -22.36 7.64
N ASN C 7 10.62 -12.38 -11.98
CA ASN C 7 11.98 -11.86 -12.14
C ASN C 7 12.14 -10.46 -11.52
N SER C 8 13.08 -9.69 -12.08
CA SER C 8 13.49 -8.43 -11.49
C SER C 8 13.47 -7.35 -12.56
N TYR C 9 13.20 -6.13 -12.11
CA TYR C 9 13.31 -4.98 -13.00
C TYR C 9 14.73 -4.86 -13.55
N LYS C 10 14.83 -4.24 -14.72
CA LYS C 10 16.13 -4.01 -15.32
C LYS C 10 16.78 -2.80 -14.67
N MET C 11 18.02 -2.98 -14.18
CA MET C 11 18.76 -1.93 -13.51
C MET C 11 20.14 -1.70 -14.12
N ASP C 12 20.48 -2.41 -15.20
CA ASP C 12 21.77 -2.27 -15.89
C ASP C 12 21.71 -1.26 -17.04
N TYR C 13 20.84 -0.26 -16.94
CA TYR C 13 20.86 0.84 -17.87
C TYR C 13 22.12 1.67 -17.64
N PRO C 14 22.44 2.60 -18.54
CA PRO C 14 23.58 3.50 -18.31
C PRO C 14 23.50 4.29 -17.00
N GLU C 15 22.45 5.09 -16.81
CA GLU C 15 22.19 5.78 -15.54
C GLU C 15 21.18 5.00 -14.70
N MET C 16 21.35 5.06 -13.36
CA MET C 16 20.35 4.47 -12.47
C MET C 16 19.06 5.27 -12.46
N GLY C 17 19.14 6.58 -12.61
CA GLY C 17 17.96 7.41 -12.67
C GLY C 17 18.03 8.68 -11.86
N LEU C 18 17.05 9.55 -12.10
CA LEU C 18 16.89 10.80 -11.36
C LEU C 18 16.33 10.54 -9.98
N CYS C 19 16.83 11.30 -8.99
CA CYS C 19 16.21 11.36 -7.67
C CYS C 19 15.90 12.81 -7.36
N ILE C 20 14.62 13.15 -7.31
CA ILE C 20 14.15 14.50 -7.02
C ILE C 20 13.81 14.57 -5.55
N ILE C 21 14.43 15.49 -4.84
CA ILE C 21 14.06 15.80 -3.46
C ILE C 21 13.43 17.18 -3.43
N ILE C 22 12.19 17.25 -2.99
CA ILE C 22 11.52 18.51 -2.74
C ILE C 22 11.42 18.69 -1.23
N ASN C 23 12.17 19.67 -0.73
CA ASN C 23 12.35 19.94 0.69
C ASN C 23 11.73 21.30 1.00
N ASN C 24 10.52 21.29 1.54
CA ASN C 24 9.83 22.51 1.95
C ASN C 24 9.85 22.61 3.47
N LYS C 25 10.44 23.69 3.98
CA LYS C 25 10.57 23.90 5.43
C LYS C 25 9.97 25.22 5.90
N ASN C 26 9.93 26.24 5.05
CA ASN C 26 9.32 27.53 5.38
C ASN C 26 8.12 27.80 4.47
N PHE C 27 6.99 28.13 5.09
CA PHE C 27 5.73 28.37 4.39
C PHE C 27 5.35 29.84 4.48
N HIS C 28 4.35 30.24 3.71
CA HIS C 28 3.91 31.63 3.78
C HIS C 28 3.13 31.85 5.07
N LYS C 29 3.20 33.08 5.58
CA LYS C 29 2.52 33.40 6.83
C LYS C 29 1.00 33.29 6.69
N SER C 30 0.46 33.74 5.55
CA SER C 30 -0.94 33.59 5.18
C SER C 30 -1.50 32.17 5.38
N THR C 31 -0.59 31.19 5.48
CA THR C 31 -0.93 29.78 5.66
C THR C 31 -0.92 29.34 7.11
N GLY C 32 -0.07 29.91 7.94
CA GLY C 32 -0.11 29.56 9.35
C GLY C 32 0.26 28.13 9.70
N MET C 33 0.98 27.42 8.84
CA MET C 33 1.62 26.21 9.35
C MET C 33 3.06 26.51 9.73
N THR C 34 3.57 25.70 10.66
CA THR C 34 4.84 25.95 11.32
C THR C 34 6.02 25.70 10.38
N SER C 35 7.18 26.24 10.75
CA SER C 35 8.40 25.95 10.00
C SER C 35 8.92 24.57 10.43
N ARG C 36 9.20 23.70 9.46
CA ARG C 36 9.50 22.29 9.74
C ARG C 36 10.99 22.07 10.00
N SER C 37 11.37 22.11 11.29
CA SER C 37 12.78 21.98 11.68
C SER C 37 13.27 20.54 11.60
N GLY C 38 14.51 20.36 11.16
CA GLY C 38 15.08 19.05 10.95
C GLY C 38 14.93 18.49 9.55
N THR C 39 14.03 19.05 8.73
CA THR C 39 13.86 18.53 7.38
C THR C 39 15.12 18.67 6.56
N ASP C 40 15.96 19.68 6.86
CA ASP C 40 17.27 19.79 6.22
C ASP C 40 18.14 18.58 6.54
N VAL C 41 18.14 18.15 7.81
CA VAL C 41 18.82 16.92 8.17
C VAL C 41 18.31 15.78 7.31
N ASP C 42 16.99 15.70 7.13
CA ASP C 42 16.39 14.71 6.24
C ASP C 42 16.91 14.87 4.81
N ALA C 43 16.74 16.06 4.25
CA ALA C 43 17.09 16.26 2.86
C ALA C 43 18.56 16.00 2.59
N ALA C 44 19.42 16.18 3.59
CA ALA C 44 20.83 15.91 3.36
C ALA C 44 21.13 14.41 3.43
N ASN C 45 20.52 13.72 4.39
CA ASN C 45 20.62 12.27 4.48
C ASN C 45 20.17 11.59 3.19
N LEU C 46 19.08 12.07 2.60
CA LEU C 46 18.62 11.53 1.34
C LEU C 46 19.68 11.68 0.26
N ARG C 47 20.21 12.90 0.10
CA ARG C 47 21.21 13.17 -0.91
C ARG C 47 22.37 12.19 -0.82
N GLU C 48 22.91 11.97 0.39
CA GLU C 48 24.08 11.11 0.50
C GLU C 48 23.75 9.66 0.20
N THR C 49 22.59 9.19 0.66
CA THR C 49 22.22 7.79 0.50
C THR C 49 22.03 7.44 -0.96
N PHE C 50 21.27 8.26 -1.70
CA PHE C 50 21.00 7.93 -3.09
C PHE C 50 22.22 8.16 -3.98
N ARG C 51 23.04 9.16 -3.68
CA ARG C 51 24.36 9.25 -4.28
C ARG C 51 25.10 7.91 -4.23
N ASN C 52 24.95 7.18 -3.12
CA ASN C 52 25.57 5.86 -3.02
C ASN C 52 24.82 4.81 -3.83
N LEU C 53 23.52 5.01 -4.09
CA LEU C 53 22.81 4.15 -5.00
C LEU C 53 23.02 4.54 -6.47
N LYS C 54 23.87 5.54 -6.73
CA LYS C 54 24.27 6.02 -8.07
C LYS C 54 23.15 6.79 -8.78
N TYR C 55 22.37 7.56 -8.03
CA TYR C 55 21.30 8.36 -8.61
C TYR C 55 21.76 9.79 -8.88
N GLU C 56 21.15 10.40 -9.90
CA GLU C 56 21.42 11.79 -10.24
C GLU C 56 20.50 12.62 -9.36
N VAL C 57 20.97 12.91 -8.14
CA VAL C 57 20.15 13.55 -7.11
C VAL C 57 20.00 15.04 -7.40
N ARG C 58 18.78 15.57 -7.28
CA ARG C 58 18.49 16.99 -7.47
C ARG C 58 17.69 17.52 -6.29
N ASN C 59 18.34 18.27 -5.39
CA ASN C 59 17.65 18.94 -4.30
C ASN C 59 16.96 20.20 -4.78
N LYS C 60 15.70 20.38 -4.36
CA LYS C 60 14.97 21.63 -4.56
C LYS C 60 14.45 22.07 -3.20
N ASN C 61 14.36 23.39 -3.00
CA ASN C 61 14.01 23.90 -1.68
C ASN C 61 12.93 24.97 -1.75
N ASP C 62 11.96 24.86 -0.83
CA ASP C 62 10.89 25.82 -0.55
C ASP C 62 10.19 26.28 -1.83
N LEU C 63 9.30 25.45 -2.36
CA LEU C 63 8.60 25.73 -3.60
C LEU C 63 7.13 26.05 -3.33
N THR C 64 6.56 26.93 -4.16
CA THR C 64 5.13 27.13 -4.11
C THR C 64 4.42 25.90 -4.67
N ARG C 65 3.12 25.80 -4.39
CA ARG C 65 2.37 24.68 -4.92
C ARG C 65 2.43 24.64 -6.45
N GLU C 66 2.72 25.78 -7.08
CA GLU C 66 2.82 25.89 -8.54
C GLU C 66 4.21 25.55 -9.06
N GLU C 67 5.29 25.98 -8.37
CA GLU C 67 6.60 25.52 -8.79
C GLU C 67 6.69 23.98 -8.71
N ILE C 68 5.97 23.37 -7.77
CA ILE C 68 6.00 21.91 -7.64
C ILE C 68 5.38 21.24 -8.88
N VAL C 69 4.13 21.59 -9.20
CA VAL C 69 3.46 21.08 -10.39
C VAL C 69 4.35 21.28 -11.62
N GLU C 70 4.88 22.48 -11.77
CA GLU C 70 5.64 22.81 -12.97
C GLU C 70 6.98 22.11 -12.95
N LEU C 71 7.61 22.00 -11.78
CA LEU C 71 8.84 21.21 -11.70
C LEU C 71 8.57 19.80 -12.18
N MET C 72 7.53 19.17 -11.63
CA MET C 72 7.23 17.79 -11.96
C MET C 72 6.94 17.62 -13.44
N ARG C 73 6.15 18.54 -14.01
CA ARG C 73 5.82 18.46 -15.44
C ARG C 73 7.09 18.47 -16.29
N ASP C 74 8.02 19.39 -16.01
CA ASP C 74 9.30 19.39 -16.72
C ASP C 74 10.01 18.03 -16.61
N VAL C 75 10.10 17.48 -15.40
CA VAL C 75 10.79 16.20 -15.24
C VAL C 75 10.07 15.11 -16.00
N SER C 76 8.75 15.22 -16.15
CA SER C 76 8.00 14.17 -16.83
C SER C 76 8.31 14.14 -18.32
N LYS C 77 8.64 15.30 -18.91
CA LYS C 77 8.88 15.37 -20.34
C LYS C 77 10.34 15.20 -20.71
N GLU C 78 11.22 14.94 -19.74
CA GLU C 78 12.60 14.58 -20.05
C GLU C 78 12.67 13.22 -20.74
N ASP C 79 13.75 13.01 -21.48
CA ASP C 79 14.02 11.72 -22.10
C ASP C 79 14.68 10.82 -21.05
N HIS C 80 13.94 9.82 -20.57
CA HIS C 80 14.45 8.91 -19.56
C HIS C 80 14.96 7.61 -20.18
N SER C 81 15.01 7.52 -21.51
CA SER C 81 15.27 6.27 -22.22
C SER C 81 16.52 5.53 -21.76
N LYS C 82 17.51 6.22 -21.19
CA LYS C 82 18.73 5.56 -20.79
C LYS C 82 18.85 5.38 -19.28
N ARG C 83 17.77 5.65 -18.52
CA ARG C 83 17.76 5.53 -17.07
C ARG C 83 16.97 4.29 -16.63
N SER C 84 17.35 3.74 -15.47
CA SER C 84 16.80 2.48 -14.98
C SER C 84 15.50 2.66 -14.20
N SER C 85 15.38 3.73 -13.42
CA SER C 85 14.24 3.91 -12.55
C SER C 85 13.94 5.41 -12.42
N PHE C 86 13.03 5.76 -11.53
CA PHE C 86 12.75 7.16 -11.22
C PHE C 86 12.32 7.26 -9.76
N VAL C 87 12.95 8.17 -9.02
CA VAL C 87 12.67 8.34 -7.59
C VAL C 87 12.27 9.79 -7.35
N CYS C 88 11.26 9.98 -6.52
CA CYS C 88 10.88 11.30 -6.02
C CYS C 88 10.67 11.23 -4.52
N VAL C 89 11.21 12.20 -3.79
CA VAL C 89 10.99 12.34 -2.35
C VAL C 89 10.32 13.67 -2.08
N LEU C 90 9.28 13.65 -1.25
CA LEU C 90 8.60 14.87 -0.83
C LEU C 90 8.63 14.97 0.69
N LEU C 91 9.08 16.11 1.20
CA LEU C 91 9.17 16.40 2.63
C LEU C 91 8.35 17.66 2.89
N SER C 92 7.25 17.52 3.63
CA SER C 92 6.35 18.66 3.82
C SER C 92 5.17 18.35 4.74
N HIS C 93 4.34 19.36 5.01
CA HIS C 93 3.09 19.10 5.70
CA HIS C 93 3.08 19.15 5.70
C HIS C 93 2.09 18.48 4.75
N GLY C 94 1.11 17.80 5.31
CA GLY C 94 0.14 17.24 4.41
C GLY C 94 -1.12 16.81 5.12
N GLU C 95 -1.95 16.13 4.36
CA GLU C 95 -3.15 15.46 4.83
C GLU C 95 -3.54 14.53 3.70
N GLU C 96 -4.30 13.48 4.05
CA GLU C 96 -4.65 12.38 3.14
C GLU C 96 -4.87 12.83 1.69
N GLY C 97 -3.97 12.42 0.81
CA GLY C 97 -4.07 12.69 -0.60
C GLY C 97 -3.45 13.98 -1.07
N ILE C 98 -2.83 14.75 -0.18
CA ILE C 98 -2.54 16.15 -0.41
C ILE C 98 -1.15 16.48 0.13
N ILE C 99 -0.36 17.15 -0.68
CA ILE C 99 0.93 17.70 -0.29
C ILE C 99 0.83 19.21 -0.26
N PHE C 100 1.65 19.84 0.56
CA PHE C 100 1.59 21.29 0.75
C PHE C 100 2.83 21.93 0.13
N GLY C 101 2.61 22.73 -0.91
CA GLY C 101 3.61 23.67 -1.35
C GLY C 101 3.80 24.73 -0.28
N THR C 102 4.70 25.68 -0.55
CA THR C 102 4.93 26.70 0.45
C THR C 102 3.72 27.61 0.65
N ASN C 103 2.70 27.54 -0.23
CA ASN C 103 1.55 28.43 -0.13
C ASN C 103 0.21 27.72 -0.11
N GLY C 104 0.19 26.40 -0.13
CA GLY C 104 -1.08 25.68 -0.14
C GLY C 104 -1.03 24.32 -0.80
N PRO C 105 -2.15 23.62 -0.76
CA PRO C 105 -2.18 22.20 -1.09
C PRO C 105 -2.11 21.88 -2.60
N VAL C 106 -1.53 20.71 -2.90
CA VAL C 106 -1.56 20.09 -4.21
C VAL C 106 -2.06 18.66 -4.06
N ASP C 107 -2.93 18.22 -4.98
CA ASP C 107 -3.32 16.81 -5.01
C ASP C 107 -2.11 15.94 -5.32
N LEU C 108 -1.97 14.84 -4.59
CA LEU C 108 -0.87 13.92 -4.92
C LEU C 108 -1.05 13.31 -6.30
N LYS C 109 -2.27 12.86 -6.62
CA LYS C 109 -2.51 12.24 -7.91
C LYS C 109 -2.13 13.18 -9.06
N LYS C 110 -2.24 14.49 -8.83
CA LYS C 110 -1.86 15.47 -9.86
C LYS C 110 -0.36 15.38 -10.18
N ILE C 111 0.48 15.38 -9.14
CA ILE C 111 1.92 15.25 -9.33
C ILE C 111 2.26 13.92 -10.02
N THR C 112 1.71 12.81 -9.50
CA THR C 112 2.02 11.49 -10.05
C THR C 112 1.44 11.24 -11.44
N ASN C 113 0.36 11.92 -11.84
CA ASN C 113 -0.26 11.58 -13.12
C ASN C 113 0.67 11.83 -14.30
N PHE C 114 1.66 12.72 -14.14
CA PHE C 114 2.62 13.01 -15.20
C PHE C 114 3.48 11.81 -15.57
N PHE C 115 3.51 10.80 -14.70
CA PHE C 115 4.38 9.65 -14.88
C PHE C 115 3.60 8.39 -15.17
N ARG C 116 2.32 8.50 -15.54
CA ARG C 116 1.54 7.35 -15.91
C ARG C 116 2.13 6.71 -17.17
N GLY C 117 1.73 5.46 -17.42
CA GLY C 117 2.31 4.72 -18.52
C GLY C 117 2.01 5.32 -19.88
N ASP C 118 0.79 5.85 -20.05
CA ASP C 118 0.44 6.55 -21.28
C ASP C 118 1.01 7.97 -21.33
N ARG C 119 1.40 8.54 -20.20
CA ARG C 119 1.79 9.94 -20.14
C ARG C 119 3.30 10.15 -20.05
N CYS C 120 4.11 9.10 -19.84
CA CYS C 120 5.55 9.30 -19.80
C CYS C 120 6.23 8.07 -20.40
N ARG C 121 6.26 8.02 -21.73
CA ARG C 121 6.65 6.80 -22.42
C ARG C 121 8.08 6.38 -22.09
N SER C 122 9.01 7.32 -21.96
CA SER C 122 10.37 6.85 -21.73
C SER C 122 10.51 6.16 -20.36
N LEU C 123 9.48 6.24 -19.52
CA LEU C 123 9.49 5.56 -18.22
C LEU C 123 8.54 4.39 -18.17
N THR C 124 7.86 4.07 -19.28
CA THR C 124 6.94 2.94 -19.29
C THR C 124 7.68 1.65 -19.00
N GLY C 125 7.13 0.88 -18.06
CA GLY C 125 7.69 -0.41 -17.71
C GLY C 125 8.80 -0.36 -16.71
N LYS C 126 9.03 0.80 -16.09
CA LYS C 126 10.15 1.09 -15.21
C LYS C 126 9.67 1.55 -13.82
N PRO C 127 10.39 1.22 -12.75
CA PRO C 127 9.90 1.50 -11.39
C PRO C 127 9.92 2.98 -11.05
N LYS C 128 8.73 3.53 -10.76
CA LYS C 128 8.58 4.92 -10.32
C LYS C 128 8.28 4.93 -8.81
N LEU C 129 9.25 5.41 -8.03
CA LEU C 129 9.19 5.33 -6.58
C LEU C 129 8.84 6.70 -6.01
N PHE C 130 8.00 6.73 -4.98
CA PHE C 130 7.58 8.00 -4.38
C PHE C 130 7.61 7.89 -2.87
N ILE C 131 8.60 8.55 -2.24
CA ILE C 131 8.81 8.60 -0.79
C ILE C 131 8.13 9.86 -0.27
N ILE C 132 7.19 9.72 0.65
CA ILE C 132 6.43 10.87 1.11
C ILE C 132 6.50 10.96 2.63
N GLN C 133 7.13 12.03 3.13
CA GLN C 133 7.14 12.36 4.54
C GLN C 133 6.17 13.51 4.74
N ALA C 134 4.95 13.18 5.19
CA ALA C 134 3.90 14.18 5.38
C ALA C 134 2.77 13.53 6.14
N CYS C 135 2.05 14.35 6.91
CA CYS C 135 0.90 13.87 7.63
C CYS C 135 -0.16 13.46 6.64
N ARG C 136 -0.90 12.41 6.97
CA ARG C 136 -2.03 12.00 6.16
C ARG C 136 -3.34 12.21 6.92
N GLY C 137 -3.36 13.19 7.83
CA GLY C 137 -4.49 13.43 8.70
C GLY C 137 -4.13 13.73 10.14
N THR C 138 -5.05 13.50 11.08
CA THR C 138 -4.83 13.97 12.43
C THR C 138 -5.19 12.91 13.48
N GLU C 139 -5.22 11.64 13.12
CA GLU C 139 -5.33 10.59 14.11
C GLU C 139 -3.97 10.35 14.76
N LEU C 140 -4.01 9.83 16.00
CA LEU C 140 -2.82 9.54 16.79
C LEU C 140 -2.82 8.08 17.21
N ASP C 141 -1.65 7.45 17.15
CA ASP C 141 -1.46 6.05 17.52
C ASP C 141 -0.88 6.01 18.94
N CYS C 142 -1.65 5.47 19.88
CA CYS C 142 -1.27 5.42 21.29
C CYS C 142 -0.54 4.14 21.67
N GLY C 143 -0.33 3.23 20.73
CA GLY C 143 0.40 2.02 21.00
C GLY C 143 -0.41 0.99 21.76
N ILE C 144 0.29 -0.10 22.08
CA ILE C 144 -0.21 -1.16 22.95
C ILE C 144 1.01 -1.85 23.53
N GLU C 145 0.84 -2.45 24.71
CA GLU C 145 1.92 -2.97 25.54
C GLU C 145 2.80 -1.84 26.00
N HIS D 10 -1.28 -6.44 -26.46
CA HIS D 10 -0.47 -6.70 -25.27
C HIS D 10 0.05 -5.43 -24.57
N LYS D 11 -0.78 -4.83 -23.73
CA LYS D 11 -0.47 -3.61 -22.99
C LYS D 11 -0.36 -3.87 -21.46
N ILE D 12 -0.16 -2.78 -20.72
CA ILE D 12 -0.06 -2.82 -19.25
C ILE D 12 -0.84 -1.65 -18.66
N PRO D 13 -1.33 -1.80 -17.43
CA PRO D 13 -2.17 -0.74 -16.87
C PRO D 13 -1.34 0.51 -16.67
N VAL D 14 -2.01 1.66 -16.71
CA VAL D 14 -1.25 2.92 -16.71
C VAL D 14 -0.75 3.27 -15.30
N GLU D 15 -1.48 2.86 -14.25
CA GLU D 15 -1.05 3.06 -12.87
C GLU D 15 -0.01 2.04 -12.43
N ALA D 16 0.37 1.12 -13.32
CA ALA D 16 1.29 0.06 -12.93
C ALA D 16 2.71 0.60 -12.78
N ASP D 17 3.51 -0.09 -11.97
CA ASP D 17 4.93 0.22 -11.71
C ASP D 17 5.13 1.52 -10.92
N PHE D 18 4.13 1.94 -10.17
CA PHE D 18 4.32 2.97 -9.16
C PHE D 18 4.53 2.30 -7.81
N LEU D 19 5.30 2.96 -6.96
CA LEU D 19 5.47 2.58 -5.56
C LEU D 19 5.25 3.80 -4.70
N TYR D 20 4.45 3.67 -3.68
CA TYR D 20 4.18 4.77 -2.78
C TYR D 20 4.62 4.35 -1.38
N ALA D 21 5.68 4.98 -0.89
CA ALA D 21 6.22 4.68 0.42
C ALA D 21 5.82 5.82 1.36
N TYR D 22 4.65 5.71 1.96
CA TYR D 22 4.23 6.73 2.91
C TYR D 22 4.94 6.54 4.26
N SER D 23 5.17 7.66 4.94
CA SER D 23 5.81 7.66 6.25
C SER D 23 4.89 7.27 7.38
N THR D 24 3.64 6.96 7.09
CA THR D 24 2.63 6.83 8.13
C THR D 24 1.36 6.28 7.51
N ALA D 25 0.49 5.73 8.36
CA ALA D 25 -0.73 5.08 7.94
C ALA D 25 -1.76 6.12 7.50
N PRO D 26 -2.74 5.72 6.68
CA PRO D 26 -3.78 6.65 6.25
C PRO D 26 -4.59 7.25 7.41
N GLY D 27 -4.62 8.59 7.45
CA GLY D 27 -5.41 9.33 8.43
C GLY D 27 -4.64 9.84 9.62
N TYR D 28 -3.32 9.64 9.67
CA TYR D 28 -2.53 9.78 10.88
C TYR D 28 -1.45 10.87 10.73
N TYR D 29 -1.05 11.40 11.88
CA TYR D 29 0.10 12.28 11.93
C TYR D 29 1.39 11.54 11.55
N SER D 30 2.37 12.28 11.06
CA SER D 30 3.71 11.77 10.80
C SER D 30 4.68 12.51 11.69
N TRP D 31 5.60 11.78 12.31
CA TRP D 31 6.44 12.36 13.36
C TRP D 31 7.80 12.73 12.80
N ARG D 32 8.26 13.93 13.18
CA ARG D 32 9.57 14.45 12.82
C ARG D 32 10.26 14.95 14.08
N ASN D 33 11.58 14.75 14.15
CA ASN D 33 12.38 15.22 15.28
C ASN D 33 13.06 16.53 14.89
N SER D 34 12.94 17.52 15.77
CA SER D 34 13.39 18.89 15.45
C SER D 34 14.89 18.99 15.21
N LYS D 35 15.68 18.09 15.78
CA LYS D 35 17.12 18.07 15.55
C LYS D 35 17.57 16.96 14.61
N ASP D 36 17.00 15.76 14.70
CA ASP D 36 17.54 14.61 13.98
C ASP D 36 16.82 14.31 12.68
N GLY D 37 15.74 15.01 12.38
CA GLY D 37 14.97 14.71 11.18
C GLY D 37 13.83 13.74 11.44
N SER D 38 13.08 13.46 10.39
CA SER D 38 11.85 12.70 10.56
C SER D 38 12.17 11.22 10.80
N TRP D 39 11.35 10.59 11.64
CA TRP D 39 11.52 9.17 11.95
C TRP D 39 11.65 8.35 10.68
N PHE D 40 10.76 8.60 9.72
CA PHE D 40 10.70 7.75 8.54
C PHE D 40 11.96 7.88 7.69
N ILE D 41 12.36 9.13 7.38
CA ILE D 41 13.52 9.34 6.51
C ILE D 41 14.82 8.96 7.22
N GLN D 42 14.91 9.23 8.54
CA GLN D 42 15.99 8.68 9.35
C GLN D 42 16.11 7.17 9.17
N SER D 43 15.00 6.46 9.37
CA SER D 43 15.00 5.00 9.30
C SER D 43 15.15 4.49 7.88
N LEU D 44 14.60 5.20 6.89
CA LEU D 44 14.79 4.77 5.51
C LEU D 44 16.27 4.84 5.11
N CYS D 45 16.94 5.97 5.35
CA CYS D 45 18.33 6.11 4.91
C CYS D 45 19.24 5.09 5.61
N ALA D 46 19.02 4.86 6.91
CA ALA D 46 19.83 3.88 7.63
C ALA D 46 19.65 2.49 7.06
N MET D 47 18.40 2.10 6.78
CA MET D 47 18.12 0.78 6.27
C MET D 47 18.66 0.62 4.84
N LEU D 48 18.59 1.67 4.03
CA LEU D 48 19.18 1.63 2.70
C LEU D 48 20.71 1.52 2.77
N LYS D 49 21.35 2.31 3.65
CA LYS D 49 22.79 2.16 3.92
C LYS D 49 23.15 0.74 4.31
N GLN D 50 22.32 0.10 5.15
CA GLN D 50 22.68 -1.19 5.70
C GLN D 50 22.46 -2.34 4.72
N TYR D 51 21.38 -2.30 3.92
CA TYR D 51 20.85 -3.52 3.34
C TYR D 51 20.63 -3.49 1.83
N ALA D 52 21.03 -2.43 1.13
CA ALA D 52 20.77 -2.39 -0.31
C ALA D 52 21.75 -3.22 -1.14
N ASP D 53 22.74 -3.87 -0.54
CA ASP D 53 23.54 -4.87 -1.23
C ASP D 53 23.28 -6.29 -0.72
N LYS D 54 22.23 -6.47 0.09
CA LYS D 54 21.77 -7.79 0.48
C LYS D 54 20.28 -8.05 0.31
N LEU D 55 19.42 -7.03 0.17
CA LEU D 55 17.98 -7.22 0.27
C LEU D 55 17.21 -6.51 -0.85
N GLU D 56 16.15 -7.17 -1.31
CA GLU D 56 15.19 -6.58 -2.24
C GLU D 56 14.38 -5.48 -1.57
N PHE D 57 14.14 -4.41 -2.32
CA PHE D 57 13.60 -3.16 -1.79
C PHE D 57 12.41 -3.38 -0.86
N MET D 58 11.45 -4.19 -1.30
CA MET D 58 10.24 -4.43 -0.52
C MET D 58 10.57 -4.87 0.91
N HIS D 59 11.66 -5.65 1.05
CA HIS D 59 12.11 -6.12 2.34
C HIS D 59 12.83 -5.03 3.12
N ILE D 60 13.59 -4.18 2.42
CA ILE D 60 14.19 -3.03 3.09
C ILE D 60 13.11 -2.21 3.77
N LEU D 61 12.01 -1.92 3.04
CA LEU D 61 10.98 -1.05 3.61
C LEU D 61 10.27 -1.73 4.77
N THR D 62 10.25 -3.06 4.79
CA THR D 62 9.70 -3.82 5.91
C THR D 62 10.57 -3.64 7.15
N ARG D 63 11.89 -3.66 6.96
CA ARG D 63 12.81 -3.30 8.04
C ARG D 63 12.58 -1.87 8.49
N VAL D 64 12.44 -0.93 7.53
CA VAL D 64 12.09 0.45 7.84
C VAL D 64 10.80 0.52 8.65
N ASN D 65 9.81 -0.32 8.32
CA ASN D 65 8.61 -0.41 9.14
C ASN D 65 8.94 -0.82 10.57
N ARG D 66 9.77 -1.85 10.74
CA ARG D 66 10.06 -2.35 12.08
C ARG D 66 10.89 -1.33 12.87
N LYS D 67 11.83 -0.65 12.21
CA LYS D 67 12.61 0.35 12.92
C LYS D 67 11.71 1.44 13.48
N VAL D 68 10.86 2.03 12.63
CA VAL D 68 9.96 3.08 13.09
C VAL D 68 9.01 2.54 14.14
N ALA D 69 8.42 1.39 13.86
CA ALA D 69 7.43 0.79 14.75
C ALA D 69 8.00 0.58 16.15
N THR D 70 9.15 -0.09 16.25
CA THR D 70 9.62 -0.52 17.56
C THR D 70 10.48 0.52 18.28
N GLU D 71 11.27 1.33 17.58
CA GLU D 71 12.32 2.12 18.24
C GLU D 71 11.99 3.58 18.45
N PHE D 72 10.87 4.08 17.93
CA PHE D 72 10.56 5.50 17.98
C PHE D 72 9.29 5.73 18.77
N GLU D 73 9.29 6.77 19.60
CA GLU D 73 8.12 7.11 20.39
C GLU D 73 8.15 8.60 20.67
N SER D 74 7.03 9.28 20.41
CA SER D 74 7.00 10.73 20.45
C SER D 74 7.28 11.26 21.84
N PHE D 75 8.02 12.36 21.90
CA PHE D 75 8.37 13.04 23.15
C PHE D 75 7.92 14.49 23.04
N SER D 76 6.88 14.86 23.78
CA SER D 76 6.33 16.21 23.71
C SER D 76 6.02 16.77 25.09
N PHE D 77 6.24 18.07 25.24
CA PHE D 77 5.74 18.79 26.41
C PHE D 77 4.23 18.91 26.40
N ASP D 78 3.62 18.62 25.27
CA ASP D 78 2.17 18.62 25.14
C ASP D 78 1.70 17.18 25.34
N ALA D 79 1.05 16.93 26.48
CA ALA D 79 0.56 15.59 26.79
C ALA D 79 -0.33 15.01 25.69
N THR D 80 -0.91 15.87 24.85
CA THR D 80 -1.74 15.37 23.75
C THR D 80 -0.89 14.60 22.73
N PHE D 81 0.32 15.10 22.46
CA PHE D 81 1.20 14.57 21.41
C PHE D 81 2.36 13.76 21.97
N HIS D 82 2.28 13.33 23.24
CA HIS D 82 3.38 12.65 23.88
C HIS D 82 3.11 11.15 23.97
N ALA D 83 4.19 10.37 23.82
CA ALA D 83 4.16 8.91 23.92
C ALA D 83 3.31 8.29 22.80
N LYS D 84 3.55 8.74 21.58
CA LYS D 84 2.74 8.35 20.44
C LYS D 84 3.58 7.55 19.46
N LYS D 85 2.92 6.76 18.62
CA LYS D 85 3.62 5.82 17.75
C LYS D 85 3.30 6.07 16.28
N GLN D 86 4.04 5.40 15.41
CA GLN D 86 3.95 5.63 13.97
C GLN D 86 4.21 4.31 13.26
N ILE D 87 3.38 3.97 12.29
CA ILE D 87 3.63 2.83 11.41
C ILE D 87 3.61 3.33 9.98
N PRO D 88 4.68 3.15 9.22
CA PRO D 88 4.69 3.59 7.82
C PRO D 88 3.94 2.62 6.91
N CYS D 89 3.65 3.10 5.70
CA CYS D 89 2.68 2.50 4.80
C CYS D 89 3.27 2.34 3.40
N ILE D 90 3.64 1.11 3.07
CA ILE D 90 4.05 0.78 1.71
C ILE D 90 2.83 0.57 0.84
N VAL D 91 2.81 1.19 -0.33
CA VAL D 91 1.74 1.03 -1.30
C VAL D 91 2.41 0.70 -2.63
N SER D 92 2.45 -0.58 -2.99
CA SER D 92 3.25 -1.05 -4.12
C SER D 92 2.32 -1.45 -5.26
N MET D 93 2.49 -0.83 -6.41
CA MET D 93 1.89 -1.32 -7.64
C MET D 93 2.97 -1.78 -8.59
N LEU D 94 4.09 -2.24 -8.05
CA LEU D 94 5.18 -2.75 -8.85
C LEU D 94 4.80 -4.10 -9.41
N THR D 95 5.61 -4.60 -10.34
CA THR D 95 5.34 -5.86 -11.00
C THR D 95 6.58 -6.73 -11.09
N LYS D 96 7.73 -6.24 -10.62
CA LYS D 96 8.92 -7.06 -10.55
C LYS D 96 9.60 -6.76 -9.22
N GLU D 97 10.58 -7.58 -8.87
CA GLU D 97 11.41 -7.27 -7.73
C GLU D 97 12.39 -6.15 -8.09
N LEU D 98 12.82 -5.40 -7.09
CA LEU D 98 13.68 -4.24 -7.31
C LEU D 98 14.96 -4.39 -6.49
N TYR D 99 16.08 -4.55 -7.19
CA TYR D 99 17.40 -4.65 -6.56
C TYR D 99 18.32 -3.53 -7.02
N PHE D 100 19.10 -2.98 -6.08
CA PHE D 100 19.98 -1.86 -6.36
C PHE D 100 21.41 -2.29 -6.72
N TYR D 101 21.78 -3.57 -6.54
CA TYR D 101 23.11 -4.04 -6.90
C TYR D 101 23.06 -4.81 -8.23
N HIS D 102 24.07 -5.63 -8.48
CA HIS D 102 24.13 -6.38 -9.73
C HIS D 102 23.69 -7.84 -9.56
N ILE E 1 -17.53 -13.92 -19.93
CA ILE E 1 -17.34 -12.49 -20.19
C ILE E 1 -16.99 -11.68 -18.92
N THR E 2 -16.29 -10.54 -19.06
CA THR E 2 -15.76 -9.80 -17.93
C THR E 2 -16.68 -8.67 -17.48
N VAL E 3 -16.79 -8.50 -16.16
CA VAL E 3 -17.70 -7.53 -15.49
C VAL E 3 -17.02 -6.73 -14.35
N ORN E 4 -17.63 -5.62 -13.96
CA ORN E 4 -17.11 -4.77 -12.89
CB ORN E 4 -17.32 -3.26 -13.14
CG ORN E 4 -17.55 -2.84 -14.57
CD ORN E 4 -18.53 -1.66 -14.67
NE ORN E 4 -19.58 -1.54 -13.66
C ORN E 4 -17.71 -5.03 -11.47
O ORN E 4 -18.91 -5.41 -11.35
N ASP E 5 -16.91 -4.82 -10.42
CA ASP E 5 -17.32 -5.05 -9.05
C ASP E 5 -17.55 -3.73 -8.31
N ILE F 1 13.23 17.58 20.41
CA ILE F 1 11.84 17.24 20.71
C ILE F 1 11.05 16.96 19.41
N THR F 2 9.97 16.17 19.50
CA THR F 2 9.27 15.62 18.34
C THR F 2 7.96 16.38 18.08
N VAL F 3 7.77 16.80 16.82
CA VAL F 3 6.59 17.57 16.36
C VAL F 3 5.83 16.91 15.20
N ORN F 4 4.55 17.25 15.08
CA ORN F 4 3.69 16.75 13.99
CB ORN F 4 2.20 16.88 14.36
CG ORN F 4 1.87 18.20 15.06
CD ORN F 4 0.46 18.74 14.78
NE ORN F 4 0.29 19.63 13.64
C ORN F 4 3.91 17.45 12.59
O ORN F 4 4.01 18.71 12.55
N ASP F 5 3.99 16.67 11.51
CA ASP F 5 3.98 17.17 10.12
C ASP F 5 2.56 17.35 9.57
#